data_3N6I
#
_entry.id   3N6I
#
_cell.length_a   49.855
_cell.length_b   68.052
_cell.length_c   75.469
_cell.angle_alpha   90.000
_cell.angle_beta   90.000
_cell.angle_gamma   90.000
#
_symmetry.space_group_name_H-M   'P 21 21 21'
#
loop_
_entity.id
_entity.type
_entity.pdbx_description
1 polymer Beta-lactamase
2 non-polymer '(2R,4S)-2-[(1R)-1-amino-2-oxoethyl]-5,5-dimethyl-1,3-thiazolidine-4-carboxylic acid'
3 non-polymer 'PHOSPHATE ION'
4 water water
#
_entity_poly.entity_id   1
_entity_poly.type   'polypeptide(L)'
_entity_poly.pdbx_seq_one_letter_code
;DLADRFAELERRYDARLGVYVPATGTTAAIEYRADERFAFCSTFKAPLVAAVLHQNPLTHLDKLITYTSDDIRSISPVAQ
QHVQTGMTIGQLCDAAIRYSDGTAANLLLADLGGPGGGTAAFTGYLRSLGDTVSRLDAEAPELNRDPPGDERDTTTPHAI
ALVLQQLVLGNALPPDKRALLTDWMARNTTGAKRIRAGFPADWKVIDKTGTGDYGRANDIAVVWSPTGVPYVVAVMSDRA
GGGYDAEPREALLAEAATCVAGVLA
;
_entity_poly.pdbx_strand_id   A
#
loop_
_chem_comp.id
_chem_comp.type
_chem_comp.name
_chem_comp.formula
PO4 non-polymer 'PHOSPHATE ION' 'O4 P -3'
XD1 non-polymer '(2R,4S)-2-[(1R)-1-amino-2-oxoethyl]-5,5-dimethyl-1,3-thiazolidine-4-carboxylic acid' 'C8 H14 N2 O3 S'
#
# COMPACT_ATOMS: atom_id res chain seq x y z
N ASP A 1 -22.01 -15.32 8.20
CA ASP A 1 -21.24 -14.42 9.10
C ASP A 1 -19.83 -14.16 8.55
N LEU A 2 -19.46 -12.88 8.39
CA LEU A 2 -18.14 -12.48 7.84
C LEU A 2 -16.93 -13.01 8.60
N ALA A 3 -16.96 -12.95 9.93
CA ALA A 3 -15.82 -13.36 10.73
C ALA A 3 -15.55 -14.86 10.55
N ASP A 4 -16.62 -15.65 10.48
CA ASP A 4 -16.53 -17.06 10.14
C ASP A 4 -15.94 -17.30 8.75
N ARG A 5 -16.36 -16.50 7.77
CA ARG A 5 -15.82 -16.61 6.44
C ARG A 5 -14.32 -16.25 6.39
N PHE A 6 -13.93 -15.17 7.06
CA PHE A 6 -12.51 -14.80 7.12
C PHE A 6 -11.68 -15.87 7.84
N ALA A 7 -12.20 -16.41 8.94
CA ALA A 7 -11.52 -17.52 9.63
C ALA A 7 -11.40 -18.77 8.74
N GLU A 8 -12.40 -19.06 7.92
CA GLU A 8 -12.30 -20.21 6.99
C GLU A 8 -11.15 -20.02 6.01
N LEU A 9 -11.01 -18.79 5.48
CA LEU A 9 -9.97 -18.45 4.54
C LEU A 9 -8.59 -18.57 5.16
N GLU A 10 -8.46 -18.16 6.43
CA GLU A 10 -7.22 -18.39 7.18
C GLU A 10 -6.85 -19.85 7.25
N ARG A 11 -7.81 -20.72 7.55
CA ARG A 11 -7.51 -22.16 7.55
C ARG A 11 -7.11 -22.66 6.16
N ARG A 12 -7.82 -22.18 5.13
CA ARG A 12 -7.60 -22.66 3.75
C ARG A 12 -6.20 -22.35 3.25
N TYR A 13 -5.71 -21.17 3.61
CA TYR A 13 -4.42 -20.69 3.12
C TYR A 13 -3.29 -20.77 4.19
N ASP A 14 -3.57 -21.42 5.33
CA ASP A 14 -2.62 -21.45 6.46
C ASP A 14 -2.03 -20.06 6.69
N ALA A 15 -2.92 -19.08 6.83
CA ALA A 15 -2.53 -17.69 6.84
C ALA A 15 -3.13 -16.93 8.03
N ARG A 16 -2.58 -15.75 8.30
CA ARG A 16 -3.17 -14.78 9.21
C ARG A 16 -3.72 -13.69 8.29
N LEU A 17 -4.99 -13.33 8.45
CA LEU A 17 -5.63 -12.35 7.58
C LEU A 17 -6.13 -11.16 8.38
N GLY A 18 -5.91 -9.96 7.85
CA GLY A 18 -6.47 -8.76 8.44
C GLY A 18 -7.25 -7.94 7.43
N VAL A 19 -8.37 -7.39 7.89
CA VAL A 19 -9.30 -6.68 7.00
C VAL A 19 -9.79 -5.46 7.76
N TYR A 20 -9.81 -4.30 7.09
CA TYR A 20 -10.56 -3.17 7.62
C TYR A 20 -11.26 -2.40 6.50
N VAL A 21 -12.55 -2.12 6.69
CA VAL A 21 -13.27 -1.15 5.86
C VAL A 21 -13.89 -0.12 6.84
N PRO A 22 -13.47 1.17 6.78
CA PRO A 22 -14.02 2.16 7.71
C PRO A 22 -15.53 2.33 7.53
N ALA A 23 -16.21 2.70 8.60
CA ALA A 23 -17.65 2.95 8.57
C ALA A 23 -17.99 4.07 7.62
N THR A 24 -19.20 4.03 7.08
CA THR A 24 -19.72 5.10 6.22
C THR A 24 -21.07 5.57 6.74
N GLY A 25 -21.76 6.34 5.89
CA GLY A 25 -23.14 6.75 6.15
C GLY A 25 -23.95 5.64 6.79
N THR A 26 -24.06 4.53 6.08
CA THR A 26 -25.02 3.48 6.39
C THR A 26 -24.36 2.10 6.55
N THR A 27 -23.04 2.04 6.53
CA THR A 27 -22.38 0.76 6.76
C THR A 27 -21.47 0.83 7.96
N ALA A 28 -21.56 -0.19 8.80
CA ALA A 28 -20.66 -0.33 9.94
C ALA A 28 -19.27 -0.65 9.40
N ALA A 29 -18.24 -0.29 10.16
CA ALA A 29 -16.86 -0.68 9.86
C ALA A 29 -16.81 -2.20 9.73
N ILE A 30 -16.07 -2.69 8.75
CA ILE A 30 -15.79 -4.11 8.70
C ILE A 30 -14.39 -4.31 9.29
N GLU A 31 -14.26 -5.24 10.23
CA GLU A 31 -12.96 -5.42 10.85
C GLU A 31 -12.66 -6.87 11.27
N TYR A 32 -11.47 -7.34 10.90
CA TYR A 32 -11.01 -8.67 11.24
C TYR A 32 -9.51 -8.57 11.47
N ARG A 33 -9.09 -8.82 12.72
CA ARG A 33 -7.69 -8.64 13.11
C ARG A 33 -7.23 -7.24 12.68
N ALA A 34 -8.14 -6.29 12.61
CA ALA A 34 -7.84 -4.98 12.01
C ALA A 34 -6.80 -4.15 12.78
N ASP A 35 -6.59 -4.45 14.07
CA ASP A 35 -5.62 -3.71 14.91
C ASP A 35 -4.33 -4.50 15.15
N GLU A 36 -4.21 -5.68 14.54
CA GLU A 36 -2.94 -6.43 14.59
C GLU A 36 -1.95 -5.85 13.58
N ARG A 37 -0.67 -5.85 13.95
CA ARG A 37 0.35 -5.37 13.03
C ARG A 37 0.61 -6.39 11.92
N PHE A 38 0.72 -5.85 10.70
CA PHE A 38 1.25 -6.56 9.53
C PHE A 38 2.32 -5.69 8.86
N ALA A 39 3.31 -6.32 8.24
CA ALA A 39 4.34 -5.59 7.48
C ALA A 39 3.66 -4.71 6.41
N PHE A 40 4.09 -3.46 6.29
CA PHE A 40 3.70 -2.61 5.16
C PHE A 40 3.92 -3.32 3.82
N CYS A 41 5.10 -3.94 3.69
CA CYS A 41 5.65 -4.20 2.34
C CYS A 41 5.50 -2.94 1.45
N SER A 42 5.24 -3.10 0.15
CA SER A 42 5.21 -1.96 -0.77
C SER A 42 4.02 -1.03 -0.59
N THR A 43 3.07 -1.39 0.28
CA THR A 43 1.92 -0.51 0.47
C THR A 43 2.30 0.88 0.97
N PHE A 44 3.49 1.00 1.59
CA PHE A 44 3.93 2.31 2.11
C PHE A 44 4.14 3.33 1.00
N LYS A 45 4.30 2.86 -0.25
CA LYS A 45 4.58 3.74 -1.38
C LYS A 45 3.43 4.70 -1.71
N ALA A 46 2.21 4.32 -1.36
CA ALA A 46 1.06 5.21 -1.55
C ALA A 46 1.15 6.46 -0.64
N PRO A 47 1.27 6.28 0.70
CA PRO A 47 1.54 7.48 1.52
C PRO A 47 2.89 8.16 1.25
N LEU A 48 3.90 7.39 0.83
CA LEU A 48 5.21 8.00 0.47
C LEU A 48 5.07 9.02 -0.67
N VAL A 49 4.37 8.65 -1.74
CA VAL A 49 4.15 9.56 -2.87
C VAL A 49 3.34 10.78 -2.40
N ALA A 50 2.34 10.57 -1.55
CA ALA A 50 1.56 11.65 -0.97
C ALA A 50 2.46 12.62 -0.17
N ALA A 51 3.39 12.09 0.61
CA ALA A 51 4.35 12.91 1.34
C ALA A 51 5.23 13.79 0.43
N VAL A 52 5.79 13.18 -0.62
CA VAL A 52 6.65 13.91 -1.57
C VAL A 52 5.86 15.01 -2.30
N LEU A 53 4.64 14.66 -2.73
CA LEU A 53 3.75 15.63 -3.36
C LEU A 53 3.48 16.81 -2.43
N HIS A 54 3.06 16.47 -1.21
CA HIS A 54 2.70 17.50 -0.22
C HIS A 54 3.88 18.41 0.13
N GLN A 55 5.07 17.81 0.20
CA GLN A 55 6.27 18.50 0.66
C GLN A 55 6.80 19.53 -0.33
N ASN A 56 6.45 19.41 -1.61
CA ASN A 56 7.07 20.23 -2.65
C ASN A 56 6.08 20.92 -3.59
N PRO A 57 6.53 22.00 -4.26
CA PRO A 57 5.68 22.53 -5.35
C PRO A 57 5.45 21.45 -6.40
N LEU A 58 4.34 21.57 -7.10
CA LEU A 58 3.96 20.57 -8.07
C LEU A 58 5.06 20.35 -9.13
N THR A 59 5.77 21.40 -9.51
CA THR A 59 6.79 21.24 -10.56
C THR A 59 8.10 20.56 -10.11
N HIS A 60 8.18 20.21 -8.84
CA HIS A 60 9.24 19.30 -8.35
C HIS A 60 9.14 17.94 -9.08
N LEU A 61 7.96 17.62 -9.63
CA LEU A 61 7.74 16.41 -10.44
C LEU A 61 8.68 16.35 -11.64
N ASP A 62 9.13 17.51 -12.09
CA ASP A 62 9.96 17.61 -13.27
C ASP A 62 11.46 17.55 -12.98
N LYS A 63 11.83 17.54 -11.70
CA LYS A 63 13.23 17.45 -11.31
C LYS A 63 13.84 16.07 -11.67
N LEU A 64 14.98 16.07 -12.37
CA LEU A 64 15.69 14.85 -12.74
C LEU A 64 16.51 14.29 -11.59
N ILE A 65 16.30 13.00 -11.31
CA ILE A 65 17.05 12.30 -10.27
C ILE A 65 17.96 11.30 -10.95
N THR A 66 19.25 11.32 -10.59
CA THR A 66 20.19 10.37 -11.16
C THR A 66 20.59 9.36 -10.09
N TYR A 67 20.92 8.15 -10.53
CA TYR A 67 21.30 7.09 -9.60
C TYR A 67 22.24 6.13 -10.35
N THR A 68 22.80 5.17 -9.62
CA THR A 68 23.87 4.30 -10.17
C THR A 68 23.57 2.77 -10.05
N SER A 69 24.47 1.94 -10.59
CA SER A 69 24.34 0.47 -10.47
C SER A 69 24.07 0.00 -9.04
N ASP A 70 24.78 0.58 -8.07
CA ASP A 70 24.68 0.13 -6.70
C ASP A 70 23.40 0.57 -5.96
N ASP A 71 22.55 1.36 -6.63
CA ASP A 71 21.23 1.72 -6.09
C ASP A 71 20.17 0.66 -6.42
N ILE A 72 20.52 -0.28 -7.30
CA ILE A 72 19.53 -1.30 -7.68
C ILE A 72 19.70 -2.56 -6.84
N ARG A 73 18.85 -2.68 -5.82
CA ARG A 73 19.00 -3.68 -4.76
C ARG A 73 17.67 -4.40 -4.50
N SER A 74 16.67 -4.16 -5.34
CA SER A 74 15.33 -4.71 -5.14
C SER A 74 14.60 -4.76 -6.47
N ILE A 75 13.43 -5.39 -6.51
CA ILE A 75 12.63 -5.51 -7.71
C ILE A 75 12.32 -4.09 -8.18
N SER A 76 12.78 -3.77 -9.40
CA SER A 76 12.74 -2.41 -9.91
C SER A 76 12.55 -2.39 -11.44
N PRO A 77 11.36 -2.80 -11.89
CA PRO A 77 11.10 -3.03 -13.33
C PRO A 77 11.35 -1.81 -14.21
N VAL A 78 11.16 -0.61 -13.65
CA VAL A 78 11.32 0.65 -14.39
C VAL A 78 12.72 1.24 -14.20
N ALA A 79 13.11 1.49 -12.94
CA ALA A 79 14.40 2.13 -12.66
C ALA A 79 15.63 1.37 -13.20
N GLN A 80 15.54 0.04 -13.33
CA GLN A 80 16.65 -0.73 -13.93
C GLN A 80 16.91 -0.26 -15.37
N GLN A 81 15.83 0.11 -16.07
CA GLN A 81 15.88 0.56 -17.45
C GLN A 81 16.30 2.00 -17.65
N HIS A 82 16.63 2.72 -16.58
CA HIS A 82 16.92 4.17 -16.70
C HIS A 82 18.12 4.64 -15.90
N VAL A 83 19.02 3.73 -15.50
CA VAL A 83 20.21 4.15 -14.74
C VAL A 83 21.07 5.19 -15.46
N GLN A 84 21.26 5.03 -16.77
CA GLN A 84 22.07 6.01 -17.52
C GLN A 84 21.41 7.40 -17.57
N THR A 85 20.12 7.42 -17.90
CA THR A 85 19.39 8.68 -18.13
C THR A 85 18.91 9.41 -16.87
N GLY A 86 18.76 8.68 -15.76
CA GLY A 86 18.06 9.21 -14.59
C GLY A 86 16.54 9.15 -14.75
N MET A 87 15.81 9.57 -13.73
CA MET A 87 14.35 9.56 -13.78
C MET A 87 13.83 10.78 -13.04
N THR A 88 12.78 11.41 -13.55
CA THR A 88 12.21 12.57 -12.85
C THR A 88 11.44 12.10 -11.62
N ILE A 89 11.19 13.02 -10.69
CA ILE A 89 10.37 12.72 -9.51
C ILE A 89 8.99 12.17 -9.94
N GLY A 90 8.37 12.78 -10.95
CA GLY A 90 7.11 12.29 -11.53
C GLY A 90 7.22 10.84 -11.99
N GLN A 91 8.28 10.55 -12.75
CA GLN A 91 8.54 9.18 -13.22
C GLN A 91 8.75 8.19 -12.08
N LEU A 92 9.46 8.64 -11.04
CA LEU A 92 9.70 7.83 -9.83
C LEU A 92 8.39 7.53 -9.07
N CYS A 93 7.56 8.57 -8.85
CA CYS A 93 6.23 8.37 -8.27
C CYS A 93 5.40 7.36 -9.10
N ASP A 94 5.41 7.53 -10.43
CA ASP A 94 4.67 6.66 -11.36
C ASP A 94 5.13 5.19 -11.19
N ALA A 95 6.44 4.96 -11.25
CA ALA A 95 7.00 3.62 -11.10
C ALA A 95 6.72 3.01 -9.72
N ALA A 96 6.87 3.82 -8.67
CA ALA A 96 6.69 3.36 -7.31
C ALA A 96 5.26 2.86 -7.08
N ILE A 97 4.28 3.59 -7.59
CA ILE A 97 2.90 3.18 -7.45
C ILE A 97 2.49 2.08 -8.46
N ARG A 98 2.74 2.30 -9.75
CA ARG A 98 2.13 1.46 -10.78
C ARG A 98 2.88 0.15 -11.00
N TYR A 99 4.20 0.16 -10.74
CA TYR A 99 5.03 -1.04 -10.88
C TYR A 99 5.65 -1.49 -9.57
N SER A 100 5.32 -0.80 -8.49
CA SER A 100 5.90 -1.05 -7.17
C SER A 100 7.42 -1.15 -7.27
N ASP A 101 8.01 -0.16 -7.94
CA ASP A 101 9.41 -0.16 -8.19
C ASP A 101 10.15 0.19 -6.90
N GLY A 102 11.02 -0.72 -6.46
CA GLY A 102 11.67 -0.59 -5.15
C GLY A 102 12.74 0.48 -5.16
N THR A 103 13.49 0.54 -6.26
CA THR A 103 14.53 1.56 -6.38
C THR A 103 13.87 2.93 -6.40
N ALA A 104 12.78 3.06 -7.16
CA ALA A 104 12.04 4.34 -7.22
C ALA A 104 11.63 4.80 -5.80
N ALA A 105 11.10 3.88 -5.00
CA ALA A 105 10.63 4.21 -3.66
C ALA A 105 11.81 4.59 -2.79
N ASN A 106 12.92 3.87 -2.92
CA ASN A 106 14.13 4.20 -2.15
C ASN A 106 14.60 5.64 -2.47
N LEU A 107 14.57 5.99 -3.76
CA LEU A 107 14.97 7.34 -4.18
C LEU A 107 13.99 8.39 -3.68
N LEU A 108 12.72 8.05 -3.63
CA LEU A 108 11.71 9.00 -3.13
C LEU A 108 11.89 9.21 -1.62
N LEU A 109 12.21 8.15 -0.88
CA LEU A 109 12.56 8.28 0.54
C LEU A 109 13.74 9.22 0.72
N ALA A 110 14.78 9.05 -0.10
CA ALA A 110 15.94 9.92 -0.02
C ALA A 110 15.61 11.37 -0.39
N ASP A 111 14.67 11.55 -1.32
CA ASP A 111 14.23 12.92 -1.68
C ASP A 111 13.53 13.58 -0.51
N LEU A 112 12.70 12.82 0.19
CA LEU A 112 11.98 13.33 1.35
C LEU A 112 12.99 13.69 2.45
N GLY A 113 14.00 12.82 2.63
CA GLY A 113 15.24 13.16 3.34
C GLY A 113 15.16 13.01 4.84
N GLY A 114 16.22 13.44 5.52
CA GLY A 114 16.28 13.39 6.99
C GLY A 114 16.79 12.02 7.43
N PRO A 115 16.87 11.79 8.77
CA PRO A 115 17.45 10.55 9.28
C PRO A 115 16.81 9.25 8.74
N GLY A 116 17.58 8.17 8.79
CA GLY A 116 17.12 6.85 8.34
C GLY A 116 16.85 6.81 6.84
N GLY A 117 17.51 7.66 6.08
CA GLY A 117 17.31 7.79 4.64
C GLY A 117 15.88 8.16 4.27
N GLY A 118 15.18 8.89 5.15
CA GLY A 118 13.83 9.33 4.86
C GLY A 118 12.74 8.51 5.56
N THR A 119 13.12 7.41 6.20
CA THR A 119 12.11 6.57 6.89
C THR A 119 11.50 7.31 8.06
N ALA A 120 12.30 8.13 8.76
CA ALA A 120 11.79 8.93 9.89
C ALA A 120 10.83 10.03 9.43
N ALA A 121 11.14 10.72 8.34
CA ALA A 121 10.24 11.75 7.81
C ALA A 121 8.97 11.11 7.27
N PHE A 122 9.11 9.94 6.66
CA PHE A 122 7.94 9.20 6.20
C PHE A 122 7.04 8.89 7.37
N THR A 123 7.63 8.40 8.46
CA THR A 123 6.86 8.05 9.64
C THR A 123 6.22 9.34 10.23
N GLY A 124 6.99 10.44 10.22
CA GLY A 124 6.46 11.75 10.66
C GLY A 124 5.27 12.19 9.83
N TYR A 125 5.28 11.91 8.53
CA TYR A 125 4.14 12.24 7.68
C TYR A 125 2.87 11.51 8.15
N LEU A 126 2.99 10.19 8.40
CA LEU A 126 1.87 9.43 8.98
C LEU A 126 1.37 10.00 10.34
N ARG A 127 2.32 10.40 11.19
CA ARG A 127 1.96 11.02 12.47
C ARG A 127 1.09 12.27 12.23
N SER A 128 1.40 13.03 11.17
CA SER A 128 0.68 14.28 10.90
C SER A 128 -0.76 13.99 10.47
N LEU A 129 -1.02 12.76 10.04
CA LEU A 129 -2.36 12.30 9.66
C LEU A 129 -3.05 11.55 10.80
N GLY A 130 -2.45 11.62 11.99
CA GLY A 130 -3.11 11.09 13.18
C GLY A 130 -2.83 9.61 13.35
N ASP A 131 -1.94 9.05 12.55
CA ASP A 131 -1.59 7.64 12.64
C ASP A 131 -0.45 7.50 13.66
N THR A 132 -0.78 7.03 14.86
CA THR A 132 0.22 6.84 15.91
C THR A 132 0.70 5.38 15.98
N VAL A 133 0.28 4.57 15.01
CA VAL A 133 0.53 3.14 15.05
C VAL A 133 1.66 2.73 14.08
N SER A 134 1.57 3.16 12.82
CA SER A 134 2.48 2.67 11.79
C SER A 134 3.92 3.19 11.99
N ARG A 135 4.89 2.42 11.49
CA ARG A 135 6.30 2.85 11.52
C ARG A 135 7.05 2.28 10.35
N LEU A 136 7.93 3.08 9.75
CA LEU A 136 8.84 2.60 8.72
C LEU A 136 10.24 2.77 9.26
N ASP A 137 11.03 1.69 9.21
CA ASP A 137 12.36 1.67 9.80
C ASP A 137 13.49 1.40 8.82
N ALA A 138 13.16 0.83 7.66
CA ALA A 138 14.19 0.47 6.68
C ALA A 138 13.64 0.69 5.28
N GLU A 139 14.51 0.73 4.28
CA GLU A 139 14.04 0.83 2.90
C GLU A 139 14.14 -0.56 2.27
N ALA A 140 13.95 -0.64 0.96
CA ALA A 140 14.06 -1.93 0.27
C ALA A 140 15.53 -2.32 0.12
N PRO A 141 15.84 -3.63 0.21
CA PRO A 141 14.92 -4.77 0.38
C PRO A 141 14.59 -5.12 1.84
N GLU A 142 15.24 -4.46 2.80
CA GLU A 142 15.15 -4.88 4.22
C GLU A 142 13.74 -4.84 4.80
N LEU A 143 12.94 -3.88 4.36
CA LEU A 143 11.63 -3.64 4.98
C LEU A 143 10.64 -4.79 4.85
N ASN A 144 10.88 -5.71 3.92
CA ASN A 144 10.00 -6.89 3.72
C ASN A 144 10.39 -8.14 4.50
N ARG A 145 11.51 -8.06 5.23
CA ARG A 145 12.17 -9.24 5.81
C ARG A 145 12.05 -9.39 7.33
N ASP A 146 11.36 -8.47 7.99
CA ASP A 146 11.28 -8.53 9.45
C ASP A 146 10.58 -9.81 9.89
N PRO A 147 11.06 -10.46 10.97
CA PRO A 147 10.42 -11.71 11.39
C PRO A 147 8.93 -11.47 11.72
N PRO A 148 8.06 -12.48 11.49
CA PRO A 148 6.65 -12.36 11.95
C PRO A 148 6.60 -11.95 13.41
N GLY A 149 5.70 -11.04 13.75
CA GLY A 149 5.57 -10.47 15.10
C GLY A 149 6.42 -9.23 15.39
N ASP A 150 7.54 -9.06 14.69
CA ASP A 150 8.41 -7.91 14.87
C ASP A 150 7.64 -6.64 14.46
N GLU A 151 7.75 -5.57 15.24
CA GLU A 151 7.01 -4.33 14.94
C GLU A 151 7.65 -3.41 13.89
N ARG A 152 8.93 -3.61 13.59
CA ARG A 152 9.58 -2.79 12.56
C ARG A 152 8.81 -2.89 11.24
N ASP A 153 8.71 -1.74 10.56
CA ASP A 153 8.14 -1.67 9.21
C ASP A 153 6.70 -2.19 9.13
N THR A 154 5.90 -1.93 10.18
CA THR A 154 4.51 -2.42 10.20
C THR A 154 3.48 -1.32 10.22
N THR A 155 2.28 -1.67 9.77
CA THR A 155 1.10 -0.85 9.98
C THR A 155 0.01 -1.80 10.47
N THR A 156 -1.24 -1.37 10.49
CA THR A 156 -2.36 -2.28 10.70
C THR A 156 -3.44 -1.99 9.65
N PRO A 157 -4.31 -2.98 9.38
CA PRO A 157 -5.36 -2.71 8.37
C PRO A 157 -6.16 -1.46 8.73
N HIS A 158 -6.43 -1.32 10.03
CA HIS A 158 -7.13 -0.16 10.55
C HIS A 158 -6.35 1.15 10.32
N ALA A 159 -5.07 1.19 10.68
CA ALA A 159 -4.30 2.44 10.56
C ALA A 159 -4.13 2.86 9.09
N ILE A 160 -3.75 1.92 8.22
CA ILE A 160 -3.52 2.23 6.81
C ILE A 160 -4.81 2.64 6.08
N ALA A 161 -5.94 2.04 6.47
CA ALA A 161 -7.22 2.39 5.83
C ALA A 161 -7.58 3.85 6.15
N LEU A 162 -7.40 4.26 7.39
CA LEU A 162 -7.70 5.64 7.79
C LEU A 162 -6.76 6.64 7.10
N VAL A 163 -5.50 6.28 6.94
CA VAL A 163 -4.54 7.09 6.17
C VAL A 163 -4.97 7.20 4.70
N LEU A 164 -5.23 6.07 4.05
CA LEU A 164 -5.64 6.13 2.63
C LEU A 164 -6.92 6.94 2.44
N GLN A 165 -7.87 6.77 3.35
CA GLN A 165 -9.11 7.54 3.32
C GLN A 165 -8.82 9.05 3.29
N GLN A 166 -7.96 9.54 4.19
CA GLN A 166 -7.62 10.96 4.22
C GLN A 166 -6.92 11.43 2.93
N LEU A 167 -6.02 10.59 2.41
CA LEU A 167 -5.29 10.88 1.17
C LEU A 167 -6.17 10.99 -0.07
N VAL A 168 -7.07 10.01 -0.26
CA VAL A 168 -7.87 9.92 -1.48
C VAL A 168 -9.25 10.59 -1.34
N LEU A 169 -9.93 10.36 -0.22
CA LEU A 169 -11.28 10.89 -0.03
C LEU A 169 -11.34 12.17 0.79
N GLY A 170 -10.39 12.36 1.70
CA GLY A 170 -10.37 13.54 2.55
C GLY A 170 -9.47 14.63 2.00
N ASN A 171 -8.99 15.50 2.91
CA ASN A 171 -8.31 16.74 2.53
C ASN A 171 -6.84 16.81 2.91
N ALA A 172 -6.21 15.64 3.07
CA ALA A 172 -4.78 15.57 3.36
C ALA A 172 -3.97 16.30 2.29
N LEU A 173 -4.37 16.16 1.02
CA LEU A 173 -3.73 16.80 -0.13
C LEU A 173 -4.65 17.81 -0.80
N PRO A 174 -4.06 18.86 -1.42
CA PRO A 174 -4.89 19.75 -2.26
C PRO A 174 -5.43 18.95 -3.43
N PRO A 175 -6.55 19.40 -4.02
CA PRO A 175 -7.18 18.68 -5.12
C PRO A 175 -6.23 18.26 -6.26
N ASP A 176 -5.30 19.14 -6.64
CA ASP A 176 -4.41 18.80 -7.76
C ASP A 176 -3.45 17.67 -7.46
N LYS A 177 -2.81 17.73 -6.29
CA LYS A 177 -1.91 16.65 -5.84
C LYS A 177 -2.69 15.38 -5.54
N ARG A 178 -3.89 15.55 -4.97
CA ARG A 178 -4.78 14.40 -4.70
C ARG A 178 -5.13 13.63 -5.96
N ALA A 179 -5.38 14.36 -7.05
CA ALA A 179 -5.75 13.72 -8.31
C ALA A 179 -4.57 12.95 -8.92
N LEU A 180 -3.36 13.49 -8.77
CA LEU A 180 -2.15 12.80 -9.23
C LEU A 180 -2.01 11.44 -8.55
N LEU A 181 -2.15 11.45 -7.21
CA LEU A 181 -2.06 10.20 -6.44
C LEU A 181 -3.17 9.20 -6.83
N THR A 182 -4.40 9.69 -6.87
CA THR A 182 -5.55 8.89 -7.28
C THR A 182 -5.35 8.27 -8.66
N ASP A 183 -4.90 9.08 -9.62
CA ASP A 183 -4.70 8.60 -11.01
C ASP A 183 -3.66 7.52 -11.09
N TRP A 184 -2.53 7.70 -10.38
CA TRP A 184 -1.50 6.66 -10.37
C TRP A 184 -2.04 5.34 -9.80
N MET A 185 -2.80 5.42 -8.71
CA MET A 185 -3.34 4.21 -8.10
C MET A 185 -4.40 3.60 -9.03
N ALA A 186 -5.14 4.44 -9.75
CA ALA A 186 -6.13 3.96 -10.72
C ALA A 186 -5.47 3.17 -11.85
N ARG A 187 -4.25 3.55 -12.20
CA ARG A 187 -3.51 2.95 -13.30
C ARG A 187 -2.52 1.90 -12.84
N ASN A 188 -2.67 1.43 -11.59
CA ASN A 188 -1.77 0.41 -11.06
C ASN A 188 -1.77 -0.84 -11.92
N THR A 189 -0.60 -1.46 -12.09
CA THR A 189 -0.55 -2.69 -12.93
C THR A 189 -0.45 -3.97 -12.11
N THR A 190 -0.31 -3.86 -10.79
CA THR A 190 0.09 -5.04 -10.01
C THR A 190 -1.06 -5.67 -9.22
N GLY A 191 -2.26 -5.10 -9.39
CA GLY A 191 -3.39 -5.34 -8.47
C GLY A 191 -4.54 -6.22 -8.96
N ALA A 192 -4.42 -6.75 -10.17
CA ALA A 192 -5.55 -7.39 -10.85
C ALA A 192 -6.08 -8.63 -10.13
N LYS A 193 -5.22 -9.34 -9.41
CA LYS A 193 -5.64 -10.60 -8.77
C LYS A 193 -5.90 -10.46 -7.26
N ARG A 194 -6.03 -9.21 -6.80
CA ARG A 194 -6.29 -8.95 -5.40
C ARG A 194 -7.65 -8.31 -5.19
N ILE A 195 -7.71 -7.12 -4.60
CA ILE A 195 -9.01 -6.53 -4.26
C ILE A 195 -9.88 -6.38 -5.51
N ARG A 196 -9.25 -5.94 -6.62
CA ARG A 196 -9.92 -5.81 -7.93
C ARG A 196 -10.67 -7.08 -8.33
N ALA A 197 -10.08 -8.25 -8.07
CA ALA A 197 -10.71 -9.54 -8.42
C ALA A 197 -11.97 -9.83 -7.60
N GLY A 198 -12.16 -9.13 -6.49
CA GLY A 198 -13.29 -9.39 -5.59
C GLY A 198 -14.51 -8.51 -5.81
N PHE A 199 -14.34 -7.44 -6.59
CA PHE A 199 -15.44 -6.51 -6.90
C PHE A 199 -15.91 -6.62 -8.34
N PRO A 200 -17.23 -6.46 -8.57
CA PRO A 200 -17.76 -6.52 -9.94
C PRO A 200 -17.18 -5.40 -10.81
N ALA A 201 -17.13 -5.66 -12.12
CA ALA A 201 -16.53 -4.74 -13.10
C ALA A 201 -17.07 -3.30 -13.09
N ASP A 202 -18.35 -3.14 -12.75
CA ASP A 202 -18.95 -1.79 -12.70
C ASP A 202 -18.62 -0.98 -11.44
N TRP A 203 -17.85 -1.57 -10.52
CA TRP A 203 -17.26 -0.82 -9.40
C TRP A 203 -15.88 -0.33 -9.81
N LYS A 204 -15.60 0.94 -9.56
CA LYS A 204 -14.24 1.47 -9.80
C LYS A 204 -13.32 1.00 -8.68
N VAL A 205 -12.09 0.61 -9.03
CA VAL A 205 -11.08 0.19 -8.04
C VAL A 205 -9.71 0.85 -8.32
N ILE A 206 -9.15 1.49 -7.30
CA ILE A 206 -7.77 2.02 -7.36
C ILE A 206 -7.01 1.36 -6.21
N ASP A 207 -5.72 1.04 -6.35
CA ASP A 207 -5.06 0.28 -5.27
C ASP A 207 -3.54 0.35 -5.27
N LYS A 208 -2.95 -0.13 -4.17
CA LYS A 208 -1.50 -0.31 -4.06
C LYS A 208 -1.26 -1.61 -3.29
N THR A 209 -0.53 -2.51 -3.93
CA THR A 209 -0.22 -3.84 -3.39
C THR A 209 1.08 -3.84 -2.60
N GLY A 210 1.31 -4.91 -1.84
CA GLY A 210 2.61 -5.18 -1.28
C GLY A 210 2.77 -6.68 -1.17
N THR A 211 4.01 -7.15 -1.36
CA THR A 211 4.36 -8.55 -1.21
C THR A 211 5.70 -8.63 -0.49
N GLY A 212 5.89 -9.65 0.34
CA GLY A 212 7.10 -9.77 1.14
C GLY A 212 7.40 -11.20 1.51
N ASP A 213 8.37 -11.40 2.41
CA ASP A 213 8.75 -12.73 2.84
C ASP A 213 7.73 -13.26 3.84
N TYR A 214 7.86 -14.52 4.27
CA TYR A 214 6.86 -15.13 5.16
C TYR A 214 5.44 -15.07 4.55
N GLY A 215 5.37 -15.19 3.23
CA GLY A 215 4.08 -15.28 2.51
C GLY A 215 3.21 -14.05 2.61
N ARG A 216 3.85 -12.89 2.76
CA ARG A 216 3.15 -11.62 2.90
C ARG A 216 2.53 -11.13 1.59
N ALA A 217 1.25 -10.79 1.65
CA ALA A 217 0.52 -10.22 0.53
C ALA A 217 -0.53 -9.24 1.05
N ASN A 218 -0.42 -8.01 0.59
CA ASN A 218 -1.27 -6.94 1.04
C ASN A 218 -1.88 -6.27 -0.19
N ASP A 219 -2.98 -5.57 0.03
CA ASP A 219 -3.56 -4.67 -0.96
C ASP A 219 -4.38 -3.64 -0.19
N ILE A 220 -4.20 -2.37 -0.56
CA ILE A 220 -5.02 -1.30 -0.03
C ILE A 220 -5.69 -0.60 -1.21
N ALA A 221 -7.00 -0.39 -1.10
CA ALA A 221 -7.74 0.17 -2.23
C ALA A 221 -8.74 1.21 -1.78
N VAL A 222 -9.14 2.03 -2.74
CA VAL A 222 -10.40 2.76 -2.59
C VAL A 222 -11.28 2.29 -3.72
N VAL A 223 -12.54 2.00 -3.40
CA VAL A 223 -13.48 1.51 -4.39
C VAL A 223 -14.70 2.41 -4.44
N TRP A 224 -15.36 2.45 -5.60
CA TRP A 224 -16.57 3.21 -5.76
C TRP A 224 -17.67 2.34 -6.38
N SER A 225 -18.83 2.34 -5.76
CA SER A 225 -19.99 1.61 -6.28
C SER A 225 -20.40 2.16 -7.66
N PRO A 226 -21.26 1.43 -8.39
CA PRO A 226 -21.73 1.96 -9.68
C PRO A 226 -22.47 3.31 -9.56
N THR A 227 -22.85 3.71 -8.35
CA THR A 227 -23.44 5.03 -8.16
C THR A 227 -22.52 6.07 -7.51
N GLY A 228 -21.22 5.79 -7.47
CA GLY A 228 -20.25 6.74 -6.95
C GLY A 228 -20.12 6.79 -5.44
N VAL A 229 -20.51 5.73 -4.73
CA VAL A 229 -20.34 5.73 -3.27
C VAL A 229 -18.99 5.07 -2.94
N PRO A 230 -18.07 5.79 -2.25
CA PRO A 230 -16.72 5.22 -2.08
C PRO A 230 -16.55 4.43 -0.76
N TYR A 231 -15.68 3.42 -0.78
CA TYR A 231 -15.32 2.67 0.45
C TYR A 231 -13.81 2.45 0.43
N VAL A 232 -13.16 2.41 1.60
CA VAL A 232 -11.74 2.14 1.67
C VAL A 232 -11.62 0.68 2.12
N VAL A 233 -10.77 -0.09 1.45
CA VAL A 233 -10.63 -1.52 1.74
C VAL A 233 -9.14 -1.84 1.97
N ALA A 234 -8.79 -2.30 3.17
CA ALA A 234 -7.40 -2.70 3.43
C ALA A 234 -7.38 -4.18 3.75
N VAL A 235 -6.63 -4.96 2.97
CA VAL A 235 -6.48 -6.37 3.25
C VAL A 235 -4.99 -6.72 3.36
N MET A 236 -4.63 -7.42 4.43
CA MET A 236 -3.24 -7.74 4.71
C MET A 236 -3.13 -9.21 5.12
N SER A 237 -2.04 -9.86 4.74
CA SER A 237 -1.90 -11.28 5.09
C SER A 237 -0.45 -11.71 5.22
N ASP A 238 -0.22 -12.74 6.04
CA ASP A 238 1.07 -13.43 5.99
C ASP A 238 0.84 -14.92 6.26
N ARG A 239 1.88 -15.73 6.07
CA ARG A 239 1.81 -17.17 6.25
C ARG A 239 3.05 -17.64 7.03
N ALA A 240 3.19 -17.16 8.27
CA ALA A 240 4.36 -17.40 9.09
C ALA A 240 4.69 -18.88 9.19
N GLY A 241 3.66 -19.71 9.12
CA GLY A 241 3.81 -21.16 9.17
C GLY A 241 4.63 -21.80 8.07
N GLY A 242 4.80 -21.13 6.93
CA GLY A 242 5.68 -21.63 5.86
C GLY A 242 7.12 -21.13 5.97
N GLY A 243 7.41 -20.34 6.99
CA GLY A 243 8.75 -19.78 7.14
C GLY A 243 9.02 -18.67 6.14
N TYR A 244 10.29 -18.27 6.04
CA TYR A 244 10.72 -17.12 5.26
C TYR A 244 10.32 -17.22 3.78
N ASP A 245 10.33 -18.44 3.24
CA ASP A 245 10.07 -18.65 1.81
C ASP A 245 8.61 -19.05 1.51
N ALA A 246 7.73 -18.98 2.52
CA ALA A 246 6.30 -19.20 2.29
C ALA A 246 5.85 -18.39 1.07
N GLU A 247 5.13 -19.03 0.16
CA GLU A 247 4.58 -18.33 -1.01
C GLU A 247 3.42 -17.40 -0.62
N PRO A 248 3.45 -16.14 -1.09
CA PRO A 248 2.28 -15.25 -0.89
C PRO A 248 1.13 -15.79 -1.68
N ARG A 249 -0.09 -15.61 -1.21
CA ARG A 249 -1.24 -16.17 -1.90
C ARG A 249 -2.35 -15.12 -2.29
N GLU A 250 -2.25 -14.62 -3.51
CA GLU A 250 -3.14 -13.52 -3.93
C GLU A 250 -4.61 -13.90 -3.83
N ALA A 251 -4.88 -15.16 -4.17
CA ALA A 251 -6.22 -15.72 -4.07
C ALA A 251 -6.89 -15.45 -2.73
N LEU A 252 -6.13 -15.52 -1.63
CA LEU A 252 -6.66 -15.19 -0.30
C LEU A 252 -7.25 -13.77 -0.26
N LEU A 253 -6.52 -12.81 -0.85
CA LEU A 253 -6.97 -11.42 -0.86
C LEU A 253 -8.18 -11.27 -1.80
N ALA A 254 -8.15 -11.94 -2.95
CA ALA A 254 -9.32 -11.94 -3.87
C ALA A 254 -10.59 -12.46 -3.19
N GLU A 255 -10.45 -13.57 -2.44
CA GLU A 255 -11.59 -14.17 -1.76
C GLU A 255 -12.07 -13.28 -0.62
N ALA A 256 -11.14 -12.73 0.17
CA ALA A 256 -11.52 -11.78 1.22
C ALA A 256 -12.25 -10.57 0.63
N ALA A 257 -11.71 -10.02 -0.45
CA ALA A 257 -12.37 -8.91 -1.15
C ALA A 257 -13.78 -9.28 -1.66
N THR A 258 -13.95 -10.51 -2.15
CA THR A 258 -15.25 -10.97 -2.67
C THR A 258 -16.26 -10.95 -1.52
N CYS A 259 -15.82 -11.40 -0.35
CA CYS A 259 -16.65 -11.39 0.85
C CYS A 259 -17.03 -9.98 1.26
N VAL A 260 -16.06 -9.07 1.26
CA VAL A 260 -16.36 -7.66 1.53
C VAL A 260 -17.36 -7.07 0.52
N ALA A 261 -17.12 -7.30 -0.77
CA ALA A 261 -17.98 -6.79 -1.85
C ALA A 261 -19.42 -7.27 -1.68
N GLY A 262 -19.57 -8.54 -1.27
CA GLY A 262 -20.88 -9.10 -0.93
C GLY A 262 -21.64 -8.29 0.13
N VAL A 263 -20.92 -7.83 1.15
CA VAL A 263 -21.55 -7.04 2.20
C VAL A 263 -21.87 -5.61 1.70
N LEU A 264 -20.99 -5.04 0.88
CA LEU A 264 -21.14 -3.66 0.42
C LEU A 264 -22.13 -3.47 -0.74
N ALA A 265 -22.47 -4.55 -1.45
CA ALA A 265 -23.36 -4.45 -2.62
C ALA A 265 -24.80 -4.00 -2.28
C XD1 B . 6.77 -4.22 -2.50
N XD1 B . 7.88 -6.34 -2.84
O XD1 B . 5.95 -5.16 -1.71
CA XD1 B . 7.68 -4.91 -3.29
CB XD1 B . 7.01 -4.86 -4.71
CAA XD1 B . 5.12 -6.11 -7.33
CAB XD1 B . 5.62 -8.35 -6.18
OAE XD1 B . 3.30 -4.99 -5.39
OAF XD1 B . 2.72 -6.95 -5.01
NAH XD1 B . 5.55 -4.96 -4.54
SAI XD1 B . 7.45 -6.20 -5.85
CAJ XD1 B . 3.51 -6.07 -5.11
CAM XD1 B . 4.99 -6.28 -4.86
CAN XD1 B . 5.72 -6.82 -6.11
P PO4 C . 13.43 -10.91 -0.57
O1 PO4 C . 13.26 -12.42 -0.38
O2 PO4 C . 13.31 -10.22 0.76
O3 PO4 C . 14.82 -10.67 -1.12
O4 PO4 C . 12.38 -10.38 -1.55
P PO4 D . -7.39 -10.17 17.74
O1 PO4 D . -7.39 -11.66 17.51
O2 PO4 D . -8.77 -9.67 18.05
O3 PO4 D . -6.43 -9.92 18.90
O4 PO4 D . -6.92 -9.42 16.52
#